data_8B6R
#
_entry.id   8B6R
#
_cell.length_a   112.560
_cell.length_b   112.560
_cell.length_c   44.330
_cell.angle_alpha   90.000
_cell.angle_beta   90.000
_cell.angle_gamma   90.000
#
_symmetry.space_group_name_H-M   'P 42 21 2'
#
loop_
_entity.id
_entity.type
_entity.pdbx_description
1 polymer 'Haloalkane dehalogenase'
2 non-polymer ~{N}-[2-[2-(6-chloranylhexoxy)ethoxy]ethyl]-6-[3,3-dimethyl-2-[(~{E})-3-(1,3,3-trimethylindol-2-ylidene)prop-1-enyl]indol-1-ium-1-yl]hexanamide
3 non-polymer 'CHLORIDE ION'
4 non-polymer GLYCEROL
5 non-polymer 'MAGNESIUM ION'
6 water water
#
_entity_poly.entity_id   1
_entity_poly.type   'polypeptide(L)'
_entity_poly.pdbx_seq_one_letter_code
;GIGTGFPFDPHYVEVLGERMHYVDVGPRDGTPVLFLHGNPTSSYVWRNIIPHVAPTHRCIAPDLIGMGKSDKPDLGYFFD
DHVRFMDAFIEALGLEEVVLVIHDWGSALGFHWAKRNPERVKGIAFMEFIRPIPTWDEWPEFARETFQAFRTTDVGRKLI
IDQNVFIEGTLPMGVVRPLTEVEMDHYREPFLNPVDREPLWRFPNELPIAGEPANIVALVEEYMDWLHQSPVPKLLFWGT
PGVLIPPAEAARLAKSLPNCKAVDIGPGLNLLQEDNPDLIGSEIARWLSTLEI
;
_entity_poly.pdbx_strand_id   A
#
loop_
_chem_comp.id
_chem_comp.type
_chem_comp.name
_chem_comp.formula
CL non-polymer 'CHLORIDE ION' 'Cl -1'
GOL non-polymer GLYCEROL 'C3 H8 O3'
MG non-polymer 'MAGNESIUM ION' 'Mg 2'
PJI non-polymer ~{N}-[2-[2-(6-chloranylhexoxy)ethoxy]ethyl]-6-[3,3-dimethyl-2-[(~{E})-3-(1,3,3-trimethylindol-2-ylidene)prop-1-enyl]indol-1-ium-1-yl]hexanamide 'C40 H57 Cl N3 O3 1'
#
# COMPACT_ATOMS: atom_id res chain seq x y z
N GLY A 1 -21.53 -6.23 9.58
CA GLY A 1 -20.92 -4.98 9.14
C GLY A 1 -19.46 -5.15 8.77
N ILE A 2 -18.83 -4.08 8.31
CA ILE A 2 -17.39 -4.08 8.09
C ILE A 2 -16.70 -3.83 9.44
N GLY A 3 -15.75 -4.70 9.77
CA GLY A 3 -15.14 -4.66 11.10
C GLY A 3 -14.35 -3.39 11.32
N THR A 4 -14.50 -2.80 12.50
CA THR A 4 -13.69 -1.63 12.87
C THR A 4 -12.57 -1.98 13.84
N GLY A 5 -12.55 -3.19 14.38
CA GLY A 5 -11.56 -3.53 15.37
C GLY A 5 -10.22 -3.89 14.77
N PHE A 6 -9.21 -3.92 15.63
CA PHE A 6 -7.85 -4.32 15.27
C PHE A 6 -7.39 -5.36 16.29
N PRO A 7 -7.87 -6.59 16.16
CA PRO A 7 -7.63 -7.62 17.18
C PRO A 7 -6.35 -8.40 16.90
N PHE A 8 -5.25 -7.68 16.79
CA PHE A 8 -3.96 -8.29 16.54
C PHE A 8 -2.99 -7.88 17.63
N ASP A 9 -2.36 -8.87 18.23
CA ASP A 9 -1.34 -8.64 19.22
C ASP A 9 -0.19 -7.83 18.59
N PRO A 10 0.34 -6.83 19.27
CA PRO A 10 1.47 -6.09 18.69
C PRO A 10 2.76 -6.90 18.74
N HIS A 11 3.51 -6.84 17.64
CA HIS A 11 4.88 -7.33 17.59
C HIS A 11 5.77 -6.18 17.15
N TYR A 12 6.98 -6.17 17.67
CA TYR A 12 7.98 -5.16 17.32
C TYR A 12 9.29 -5.83 16.99
N VAL A 13 10.03 -5.24 16.06
CA VAL A 13 11.37 -5.69 15.71
C VAL A 13 12.24 -4.45 15.53
N GLU A 14 13.49 -4.53 15.97
CA GLU A 14 14.42 -3.43 15.78
C GLU A 14 14.93 -3.42 14.34
N VAL A 15 14.83 -2.26 13.68
CA VAL A 15 15.18 -2.09 12.27
C VAL A 15 15.97 -0.79 12.17
N LEU A 16 17.25 -0.88 11.80
CA LEU A 16 18.13 0.30 11.66
C LEU A 16 18.03 1.18 12.89
N GLY A 17 17.96 0.54 14.06
CA GLY A 17 17.94 1.28 15.32
C GLY A 17 16.58 1.76 15.78
N GLU A 18 15.52 1.50 15.01
CA GLU A 18 14.17 1.94 15.30
C GLU A 18 13.27 0.73 15.48
N ARG A 19 12.23 0.86 16.28
CA ARG A 19 11.26 -0.24 16.40
C ARG A 19 10.22 -0.09 15.31
N MET A 20 9.96 -1.18 14.60
CA MET A 20 8.84 -1.24 13.66
C MET A 20 7.78 -2.20 14.22
N HIS A 21 6.52 -1.77 14.18
CA HIS A 21 5.40 -2.62 14.59
C HIS A 21 4.89 -3.47 13.44
N TYR A 22 4.45 -4.70 13.75
CA TYR A 22 3.83 -5.51 12.72
C TYR A 22 2.83 -6.48 13.31
N VAL A 23 1.80 -6.77 12.50
CA VAL A 23 0.92 -7.92 12.75
C VAL A 23 1.66 -9.19 12.36
N ASP A 24 1.46 -10.27 13.13
CA ASP A 24 2.00 -11.57 12.76
C ASP A 24 1.02 -12.62 13.26
N VAL A 25 0.21 -13.16 12.35
CA VAL A 25 -0.77 -14.19 12.72
C VAL A 25 -0.72 -15.33 11.72
N GLY A 26 -1.44 -16.41 12.03
CA GLY A 26 -1.46 -17.54 11.14
C GLY A 26 -0.40 -18.58 11.43
N PRO A 27 -0.38 -19.65 10.64
CA PRO A 27 0.54 -20.76 10.94
C PRO A 27 2.00 -20.39 10.79
N ARG A 28 2.84 -21.08 11.57
CA ARG A 28 4.23 -20.64 11.72
C ARG A 28 5.11 -21.02 10.56
N ASP A 29 4.82 -22.12 9.93
CA ASP A 29 5.65 -22.58 8.83
C ASP A 29 5.05 -22.02 7.54
N GLY A 30 5.39 -22.63 6.43
CA GLY A 30 4.85 -22.22 5.16
C GLY A 30 5.45 -20.91 4.70
N THR A 31 4.93 -20.48 3.56
CA THR A 31 5.34 -19.22 2.95
C THR A 31 4.52 -18.09 3.54
N PRO A 32 5.14 -17.05 4.09
CA PRO A 32 4.37 -15.95 4.67
C PRO A 32 3.85 -15.02 3.58
N VAL A 33 2.76 -14.35 3.94
CA VAL A 33 2.10 -13.36 3.09
C VAL A 33 2.34 -12.01 3.74
N LEU A 34 3.06 -11.14 3.04
CA LEU A 34 3.52 -9.87 3.57
C LEU A 34 2.64 -8.76 2.99
N PHE A 35 1.93 -8.07 3.85
CA PHE A 35 0.94 -7.05 3.46
C PHE A 35 1.57 -5.67 3.66
N LEU A 36 1.62 -4.84 2.60
CA LEU A 36 2.27 -3.53 2.71
C LEU A 36 1.27 -2.44 2.40
N HIS A 37 0.96 -1.60 3.40
CA HIS A 37 0.10 -0.44 3.26
C HIS A 37 0.84 0.76 2.66
N GLY A 38 0.08 1.82 2.40
CA GLY A 38 0.63 3.04 1.81
C GLY A 38 0.16 4.27 2.59
N ASN A 39 -0.07 5.37 1.89
CA ASN A 39 -0.37 6.67 2.47
C ASN A 39 -1.87 6.91 2.46
N PRO A 40 -2.48 7.33 3.58
CA PRO A 40 -1.94 7.66 4.91
C PRO A 40 -2.34 6.58 5.92
N THR A 41 -2.19 5.34 5.53
CA THR A 41 -2.79 4.25 6.29
C THR A 41 -1.75 3.55 7.14
N SER A 42 -2.03 2.32 7.52
CA SER A 42 -1.18 1.50 8.39
C SER A 42 -1.65 0.08 8.18
N SER A 43 -1.11 -0.84 8.98
CA SER A 43 -1.62 -2.21 8.94
C SER A 43 -3.12 -2.29 9.22
N TYR A 44 -3.70 -1.27 9.85
CA TYR A 44 -5.16 -1.18 10.02
C TYR A 44 -5.91 -1.42 8.71
N VAL A 45 -5.35 -0.98 7.58
CA VAL A 45 -6.10 -1.10 6.32
C VAL A 45 -6.28 -2.57 5.92
N TRP A 46 -5.50 -3.49 6.49
CA TRP A 46 -5.60 -4.90 6.16
C TRP A 46 -6.42 -5.69 7.17
N ARG A 47 -7.01 -5.01 8.15
CA ARG A 47 -7.60 -5.72 9.29
C ARG A 47 -8.71 -6.67 8.89
N ASN A 48 -9.44 -6.37 7.81
CA ASN A 48 -10.57 -7.22 7.41
C ASN A 48 -10.23 -8.15 6.26
N ILE A 49 -8.99 -8.07 5.76
CA ILE A 49 -8.54 -9.00 4.74
CA ILE A 49 -8.46 -8.95 4.73
C ILE A 49 -7.72 -10.13 5.35
N ILE A 50 -6.84 -9.80 6.30
CA ILE A 50 -6.05 -10.81 7.01
C ILE A 50 -6.88 -12.01 7.50
N PRO A 51 -8.06 -11.83 8.11
CA PRO A 51 -8.79 -12.99 8.62
C PRO A 51 -9.21 -14.00 7.56
N HIS A 52 -9.29 -13.61 6.29
CA HIS A 52 -9.54 -14.59 5.25
C HIS A 52 -8.31 -15.43 4.92
N VAL A 53 -7.11 -14.94 5.26
CA VAL A 53 -5.87 -15.56 4.84
C VAL A 53 -5.22 -16.33 5.98
N ALA A 54 -5.29 -15.76 7.17
CA ALA A 54 -4.68 -16.35 8.36
C ALA A 54 -5.08 -17.81 8.60
N PRO A 55 -6.26 -18.29 8.19
CA PRO A 55 -6.53 -19.74 8.41
C PRO A 55 -5.55 -20.66 7.73
N THR A 56 -4.95 -20.25 6.60
CA THR A 56 -4.09 -21.12 5.82
C THR A 56 -2.66 -20.63 5.70
N HIS A 57 -2.39 -19.33 5.95
CA HIS A 57 -1.07 -18.76 5.70
C HIS A 57 -0.71 -17.74 6.76
N ARG A 58 0.58 -17.72 7.15
CA ARG A 58 1.12 -16.66 7.97
C ARG A 58 0.90 -15.30 7.32
N CYS A 59 0.39 -14.35 8.10
CA CYS A 59 0.16 -12.98 7.65
C CYS A 59 1.06 -12.05 8.43
N ILE A 60 1.91 -11.30 7.73
CA ILE A 60 2.79 -10.31 8.33
C ILE A 60 2.42 -8.95 7.76
N ALA A 61 2.04 -8.00 8.61
CA ALA A 61 1.63 -6.67 8.12
C ALA A 61 2.37 -5.59 8.92
N PRO A 62 3.51 -5.09 8.42
CA PRO A 62 4.22 -4.02 9.14
C PRO A 62 3.56 -2.66 8.93
N ASP A 63 3.81 -1.80 9.91
CA ASP A 63 3.58 -0.37 9.73
C ASP A 63 4.86 0.27 9.20
N LEU A 64 4.75 1.02 8.11
CA LEU A 64 5.91 1.69 7.56
C LEU A 64 6.56 2.60 8.60
N ILE A 65 7.85 2.87 8.44
CA ILE A 65 8.51 3.74 9.41
C ILE A 65 7.80 5.10 9.45
N GLY A 66 7.65 5.63 10.66
CA GLY A 66 6.91 6.88 10.83
C GLY A 66 5.42 6.75 10.77
N MET A 67 4.88 5.54 10.68
CA MET A 67 3.46 5.39 10.40
C MET A 67 2.95 4.32 11.38
N GLY A 68 1.63 4.31 11.57
CA GLY A 68 1.08 3.28 12.46
C GLY A 68 1.68 3.34 13.86
N LYS A 69 2.02 2.17 14.39
CA LYS A 69 2.67 2.06 15.69
C LYS A 69 4.19 1.98 15.58
N SER A 70 4.74 2.20 14.39
CA SER A 70 6.20 2.18 14.26
C SER A 70 6.84 3.45 14.77
N ASP A 71 8.13 3.36 15.05
CA ASP A 71 8.82 4.55 15.60
C ASP A 71 8.88 5.68 14.57
N LYS A 72 9.24 6.86 15.07
CA LYS A 72 9.23 8.11 14.30
C LYS A 72 10.61 8.75 14.34
N PRO A 73 11.58 8.16 13.66
CA PRO A 73 12.93 8.75 13.63
C PRO A 73 12.93 10.12 12.95
N ASP A 74 14.02 10.87 13.11
CA ASP A 74 14.22 12.07 12.30
C ASP A 74 14.68 11.61 10.93
N LEU A 75 13.82 11.81 9.94
CA LEU A 75 13.96 11.21 8.62
C LEU A 75 13.34 12.15 7.62
N GLY A 76 13.84 12.10 6.39
CA GLY A 76 13.14 12.79 5.34
C GLY A 76 11.80 12.14 4.97
N TYR A 77 11.66 10.85 5.24
CA TYR A 77 10.49 10.05 4.82
C TYR A 77 10.34 10.07 3.30
N PHE A 78 11.47 10.14 2.63
CA PHE A 78 11.51 9.88 1.20
C PHE A 78 11.18 8.43 0.92
N PHE A 79 10.74 8.15 -0.33
CA PHE A 79 10.63 6.75 -0.72
C PHE A 79 11.92 5.99 -0.44
N ASP A 80 13.09 6.60 -0.74
CA ASP A 80 14.38 5.97 -0.45
C ASP A 80 14.51 5.56 1.02
N ASP A 81 14.02 6.41 1.94
CA ASP A 81 14.03 6.05 3.36
C ASP A 81 13.18 4.82 3.63
N HIS A 82 11.99 4.78 3.04
CA HIS A 82 11.14 3.62 3.23
C HIS A 82 11.75 2.37 2.63
N VAL A 83 12.46 2.49 1.50
CA VAL A 83 13.16 1.32 0.93
C VAL A 83 14.20 0.78 1.91
N ARG A 84 15.01 1.67 2.49
CA ARG A 84 15.98 1.20 3.49
C ARG A 84 15.29 0.50 4.65
N PHE A 85 14.21 1.08 5.19
CA PHE A 85 13.63 0.47 6.36
C PHE A 85 12.89 -0.82 6.02
N MET A 86 12.20 -0.87 4.87
CA MET A 86 11.47 -2.09 4.57
C MET A 86 12.43 -3.22 4.21
N ASP A 87 13.50 -2.92 3.48
CA ASP A 87 14.51 -3.94 3.20
C ASP A 87 15.00 -4.54 4.50
N ALA A 88 15.29 -3.66 5.46
CA ALA A 88 15.85 -4.08 6.72
C ALA A 88 14.82 -4.78 7.59
N PHE A 89 13.54 -4.39 7.49
CA PHE A 89 12.48 -5.11 8.19
C PHE A 89 12.41 -6.56 7.72
N ILE A 90 12.39 -6.77 6.40
CA ILE A 90 12.27 -8.12 5.86
C ILE A 90 13.44 -8.99 6.30
N GLU A 91 14.66 -8.43 6.28
CA GLU A 91 15.80 -9.22 6.74
C GLU A 91 15.76 -9.45 8.26
N ALA A 92 15.25 -8.49 9.03
CA ALA A 92 15.24 -8.64 10.48
C ALA A 92 14.28 -9.73 10.92
N LEU A 93 13.22 -10.00 10.16
CA LEU A 93 12.34 -11.14 10.44
C LEU A 93 12.86 -12.43 9.84
N GLY A 94 13.98 -12.40 9.15
CA GLY A 94 14.53 -13.59 8.53
C GLY A 94 13.68 -14.19 7.44
N LEU A 95 12.92 -13.36 6.72
CA LEU A 95 12.07 -13.92 5.68
C LEU A 95 12.90 -14.38 4.51
N GLU A 96 12.46 -15.48 3.89
CA GLU A 96 13.16 -16.03 2.75
C GLU A 96 12.25 -15.79 1.57
N GLU A 97 11.39 -16.73 1.20
CA GLU A 97 10.42 -16.51 0.13
C GLU A 97 9.11 -15.97 0.71
N VAL A 98 8.42 -15.15 -0.06
CA VAL A 98 7.19 -14.50 0.42
C VAL A 98 6.18 -14.42 -0.71
N VAL A 99 4.92 -14.22 -0.33
CA VAL A 99 3.87 -13.72 -1.21
C VAL A 99 3.62 -12.28 -0.79
N LEU A 100 3.50 -11.36 -1.75
CA LEU A 100 3.23 -9.96 -1.42
C LEU A 100 1.76 -9.61 -1.65
N VAL A 101 1.20 -8.80 -0.75
CA VAL A 101 -0.15 -8.22 -0.92
C VAL A 101 0.04 -6.73 -0.68
N ILE A 102 -0.13 -5.90 -1.72
CA ILE A 102 0.41 -4.55 -1.64
C ILE A 102 -0.55 -3.51 -2.21
N HIS A 103 -0.41 -2.27 -1.73
CA HIS A 103 -1.35 -1.19 -2.03
C HIS A 103 -0.60 0.16 -1.99
N ASP A 104 -0.90 1.05 -2.95
CA ASP A 104 -0.46 2.44 -2.92
C ASP A 104 1.06 2.45 -2.70
N TRP A 105 1.59 3.20 -1.75
CA TRP A 105 3.06 3.23 -1.65
C TRP A 105 3.64 1.91 -1.20
N GLY A 106 2.85 1.06 -0.55
CA GLY A 106 3.32 -0.29 -0.23
C GLY A 106 3.57 -1.12 -1.47
N SER A 107 2.87 -0.80 -2.57
CA SER A 107 3.09 -1.52 -3.82
C SER A 107 4.38 -1.05 -4.47
N ALA A 108 4.73 0.24 -4.34
CA ALA A 108 6.02 0.66 -4.88
C ALA A 108 7.13 -0.03 -4.09
N LEU A 109 6.99 -0.15 -2.78
CA LEU A 109 8.00 -0.90 -2.02
C LEU A 109 8.03 -2.36 -2.45
N GLY A 110 6.85 -2.97 -2.59
CA GLY A 110 6.78 -4.40 -2.88
C GLY A 110 7.30 -4.74 -4.27
N PHE A 111 6.86 -3.99 -5.28
CA PHE A 111 7.36 -4.20 -6.64
C PHE A 111 8.86 -3.92 -6.75
N HIS A 112 9.34 -2.86 -6.10
CA HIS A 112 10.77 -2.57 -6.15
C HIS A 112 11.57 -3.66 -5.46
N TRP A 113 11.07 -4.18 -4.35
CA TRP A 113 11.76 -5.28 -3.69
C TRP A 113 11.72 -6.54 -4.54
N ALA A 114 10.57 -6.84 -5.17
CA ALA A 114 10.47 -8.01 -6.01
C ALA A 114 11.44 -7.95 -7.18
N LYS A 115 11.53 -6.78 -7.83
CA LYS A 115 12.47 -6.63 -8.94
C LYS A 115 13.88 -6.99 -8.53
N ARG A 116 14.26 -6.59 -7.32
CA ARG A 116 15.61 -6.81 -6.83
C ARG A 116 15.80 -8.17 -6.18
N ASN A 117 14.73 -8.89 -5.88
CA ASN A 117 14.79 -10.20 -5.21
C ASN A 117 13.80 -11.14 -5.88
N PRO A 118 13.89 -11.33 -7.20
CA PRO A 118 12.78 -12.02 -7.91
C PRO A 118 12.61 -13.47 -7.51
N GLU A 119 13.70 -14.16 -7.13
CA GLU A 119 13.62 -15.54 -6.70
C GLU A 119 12.92 -15.72 -5.38
N ARG A 120 12.68 -14.64 -4.62
CA ARG A 120 12.04 -14.75 -3.33
C ARG A 120 10.57 -14.42 -3.36
N VAL A 121 10.01 -14.06 -4.51
CA VAL A 121 8.61 -13.65 -4.58
C VAL A 121 7.80 -14.73 -5.27
N LYS A 122 6.87 -15.34 -4.54
CA LYS A 122 6.08 -16.47 -5.04
C LYS A 122 4.73 -16.04 -5.58
N GLY A 123 4.36 -14.79 -5.38
CA GLY A 123 3.10 -14.29 -5.93
C GLY A 123 2.94 -12.84 -5.52
N ILE A 124 2.24 -12.03 -6.32
CA ILE A 124 1.95 -10.66 -5.89
C ILE A 124 0.47 -10.40 -6.10
N ALA A 125 -0.24 -10.02 -5.04
CA ALA A 125 -1.60 -9.48 -5.13
C ALA A 125 -1.53 -7.98 -4.89
N PHE A 126 -2.20 -7.19 -5.76
CA PHE A 126 -1.97 -5.74 -5.68
C PHE A 126 -3.23 -5.02 -6.13
N MET A 127 -3.32 -3.76 -5.73
CA MET A 127 -4.53 -2.99 -6.03
C MET A 127 -4.11 -1.54 -5.88
N GLU A 128 -4.72 -0.67 -6.68
CA GLU A 128 -4.54 0.78 -6.51
C GLU A 128 -3.07 1.10 -6.21
N PHE A 129 -2.23 0.74 -7.16
CA PHE A 129 -0.78 0.68 -6.97
C PHE A 129 -0.12 1.83 -7.71
N ILE A 130 1.14 2.10 -7.34
CA ILE A 130 1.91 3.21 -7.92
C ILE A 130 2.39 2.79 -9.32
N ARG A 131 2.00 3.54 -10.32
CA ARG A 131 2.44 3.44 -11.71
C ARG A 131 2.77 4.86 -12.15
N PRO A 132 3.52 5.03 -13.23
CA PRO A 132 3.77 6.40 -13.71
C PRO A 132 2.48 7.01 -14.21
N ILE A 133 2.28 8.26 -13.82
CA ILE A 133 1.13 9.03 -14.31
C ILE A 133 1.76 10.03 -15.28
N PRO A 134 1.71 9.80 -16.60
CA PRO A 134 2.61 10.59 -17.47
C PRO A 134 2.28 12.07 -17.55
N THR A 135 1.01 12.43 -17.41
CA THR A 135 0.61 13.83 -17.38
C THR A 135 -0.45 14.02 -16.31
N TRP A 136 -0.70 15.27 -15.93
CA TRP A 136 -1.75 15.51 -14.95
C TRP A 136 -3.13 15.04 -15.44
N ASP A 137 -3.34 14.99 -16.75
CA ASP A 137 -4.63 14.54 -17.29
C ASP A 137 -4.92 13.11 -16.88
N GLU A 138 -3.89 12.33 -16.62
CA GLU A 138 -4.07 10.94 -16.25
C GLU A 138 -4.29 10.72 -14.76
N TRP A 139 -4.21 11.77 -13.98
CA TRP A 139 -4.67 11.82 -12.59
C TRP A 139 -6.17 12.09 -12.58
N PRO A 140 -6.95 11.51 -11.68
CA PRO A 140 -8.41 11.71 -11.74
C PRO A 140 -8.76 13.18 -11.63
N GLU A 141 -9.69 13.61 -12.49
CA GLU A 141 -10.08 15.01 -12.55
C GLU A 141 -10.47 15.57 -11.18
N PHE A 142 -11.24 14.80 -10.38
CA PHE A 142 -11.72 15.34 -9.11
C PHE A 142 -10.61 15.59 -8.10
N ALA A 143 -9.41 15.08 -8.34
CA ALA A 143 -8.33 15.15 -7.39
C ALA A 143 -7.11 15.90 -7.91
N ARG A 144 -7.16 16.43 -9.13
CA ARG A 144 -6.00 17.12 -9.70
C ARG A 144 -5.64 18.39 -8.94
N GLU A 145 -6.62 19.27 -8.70
CA GLU A 145 -6.30 20.54 -8.05
C GLU A 145 -5.69 20.33 -6.68
N THR A 146 -6.24 19.39 -5.89
CA THR A 146 -5.73 19.13 -4.56
C THR A 146 -4.31 18.55 -4.59
N PHE A 147 -4.06 17.56 -5.45
CA PHE A 147 -2.71 16.99 -5.44
C PHE A 147 -1.71 17.96 -6.03
N GLN A 148 -2.15 18.85 -6.94
CA GLN A 148 -1.25 19.92 -7.39
C GLN A 148 -0.89 20.82 -6.23
N ALA A 149 -1.85 21.11 -5.36
CA ALA A 149 -1.56 21.95 -4.20
C ALA A 149 -0.69 21.21 -3.17
N PHE A 150 -0.90 19.91 -3.00
CA PHE A 150 -0.06 19.15 -2.08
C PHE A 150 1.41 19.24 -2.48
N ARG A 151 1.67 19.36 -3.78
CA ARG A 151 3.03 19.31 -4.30
C ARG A 151 3.67 20.69 -4.36
N THR A 152 3.56 21.34 -3.21
CA THR A 152 4.25 22.60 -2.92
C THR A 152 4.69 22.58 -1.47
N THR A 153 5.64 23.48 -1.16
CA THR A 153 6.21 23.53 0.18
C THR A 153 5.42 24.44 1.08
N ASP A 154 4.78 25.48 0.54
CA ASP A 154 4.01 26.34 1.43
C ASP A 154 2.58 25.82 1.55
N VAL A 155 1.80 25.92 0.49
CA VAL A 155 0.40 25.54 0.57
C VAL A 155 0.27 24.07 0.92
N GLY A 156 1.12 23.23 0.31
CA GLY A 156 0.99 21.79 0.52
C GLY A 156 1.20 21.40 1.97
N ARG A 157 2.20 22.01 2.62
CA ARG A 157 2.45 21.71 4.03
C ARG A 157 1.37 22.31 4.93
N LYS A 158 0.85 23.49 4.58
CA LYS A 158 -0.27 24.04 5.34
C LYS A 158 -1.44 23.07 5.34
N LEU A 159 -1.75 22.50 4.17
CA LEU A 159 -2.83 21.53 4.05
C LEU A 159 -2.53 20.28 4.84
N ILE A 160 -1.40 19.64 4.53
CA ILE A 160 -1.19 18.28 5.03
C ILE A 160 -0.64 18.28 6.45
N ILE A 161 0.31 19.17 6.74
CA ILE A 161 0.92 19.19 8.09
C ILE A 161 0.04 19.96 9.05
N ASP A 162 -0.29 21.21 8.72
CA ASP A 162 -0.95 22.06 9.72
C ASP A 162 -2.40 21.65 9.92
N GLN A 163 -3.10 21.34 8.83
CA GLN A 163 -4.53 21.07 8.87
C GLN A 163 -4.86 19.60 8.68
N ASN A 164 -3.86 18.74 8.55
CA ASN A 164 -4.06 17.27 8.53
C ASN A 164 -5.03 16.83 7.43
N VAL A 165 -4.96 17.49 6.28
CA VAL A 165 -5.92 17.24 5.20
C VAL A 165 -5.83 15.81 4.66
N PHE A 166 -4.63 15.21 4.60
CA PHE A 166 -4.56 13.87 4.02
C PHE A 166 -5.38 12.89 4.84
N ILE A 167 -5.41 13.07 6.16
CA ILE A 167 -6.20 12.20 7.03
C ILE A 167 -7.64 12.61 7.05
N GLU A 168 -7.91 13.91 7.22
CA GLU A 168 -9.29 14.33 7.42
C GLU A 168 -10.08 14.51 6.14
N GLY A 169 -9.39 14.76 5.02
CA GLY A 169 -10.05 15.04 3.74
C GLY A 169 -9.77 13.98 2.69
N THR A 170 -8.50 13.70 2.42
CA THR A 170 -8.17 12.85 1.29
C THR A 170 -8.54 11.40 1.56
N LEU A 171 -8.18 10.89 2.74
CA LEU A 171 -8.50 9.51 3.11
C LEU A 171 -9.99 9.20 2.96
N PRO A 172 -10.93 9.97 3.53
CA PRO A 172 -12.35 9.64 3.28
C PRO A 172 -12.74 9.74 1.82
N MET A 173 -12.15 10.67 1.08
CA MET A 173 -12.43 10.77 -0.34
CA MET A 173 -12.51 10.71 -0.33
C MET A 173 -11.82 9.63 -1.13
N GLY A 174 -11.08 8.73 -0.48
CA GLY A 174 -10.54 7.54 -1.12
C GLY A 174 -11.37 6.30 -0.87
N VAL A 175 -12.53 6.46 -0.25
CA VAL A 175 -13.43 5.37 0.13
C VAL A 175 -14.83 5.73 -0.35
N VAL A 176 -15.51 4.80 -0.99
CA VAL A 176 -16.87 5.10 -1.48
C VAL A 176 -17.87 5.13 -0.35
N ARG A 177 -17.85 4.11 0.51
CA ARG A 177 -18.77 4.08 1.65
C ARG A 177 -18.30 5.07 2.73
N PRO A 178 -19.19 5.44 3.65
CA PRO A 178 -18.78 6.33 4.75
C PRO A 178 -17.89 5.59 5.73
N LEU A 179 -16.79 6.22 6.11
CA LEU A 179 -15.97 5.72 7.21
C LEU A 179 -16.60 6.16 8.50
N THR A 180 -16.52 5.32 9.52
CA THR A 180 -17.14 5.73 10.78
C THR A 180 -16.07 6.20 11.75
N GLU A 181 -16.51 6.72 12.92
CA GLU A 181 -15.58 7.46 13.77
C GLU A 181 -14.52 6.53 14.36
N VAL A 182 -14.85 5.27 14.62
CA VAL A 182 -13.82 4.38 15.17
C VAL A 182 -12.73 4.17 14.14
N GLU A 183 -13.12 4.01 12.88
CA GLU A 183 -12.14 3.83 11.81
C GLU A 183 -11.29 5.07 11.63
N MET A 184 -11.93 6.25 11.57
CA MET A 184 -11.16 7.49 11.47
C MET A 184 -10.21 7.64 12.63
N ASP A 185 -10.64 7.27 13.86
CA ASP A 185 -9.74 7.45 14.99
C ASP A 185 -8.52 6.55 14.89
N HIS A 186 -8.66 5.34 14.35
CA HIS A 186 -7.48 4.48 14.14
C HIS A 186 -6.52 5.09 13.12
N TYR A 187 -7.06 5.70 12.06
CA TYR A 187 -6.21 6.32 11.06
C TYR A 187 -5.60 7.61 11.58
N ARG A 188 -6.31 8.31 12.46
CA ARG A 188 -5.79 9.56 13.05
C ARG A 188 -4.69 9.33 14.09
N GLU A 189 -4.75 8.22 14.79
CA GLU A 189 -3.94 8.05 16.00
C GLU A 189 -2.46 8.29 15.80
N PRO A 190 -1.80 7.83 14.74
CA PRO A 190 -0.36 8.08 14.62
C PRO A 190 -0.01 9.52 14.37
N PHE A 191 -0.98 10.37 14.04
CA PHE A 191 -0.71 11.71 13.53
C PHE A 191 -1.35 12.79 14.37
N LEU A 192 -1.69 12.47 15.63
CA LEU A 192 -2.31 13.48 16.51
C LEU A 192 -1.41 14.69 16.71
N ASN A 193 -0.09 14.47 16.71
CA ASN A 193 0.88 15.56 16.85
C ASN A 193 1.29 16.08 15.48
N PRO A 194 1.01 17.33 15.13
CA PRO A 194 1.29 17.83 13.77
C PRO A 194 2.73 17.60 13.33
N VAL A 195 3.69 17.64 14.26
CA VAL A 195 5.08 17.48 13.81
C VAL A 195 5.37 16.06 13.35
N ASP A 196 4.43 15.14 13.52
CA ASP A 196 4.62 13.76 13.11
C ASP A 196 4.05 13.49 11.73
N ARG A 197 3.66 14.54 10.99
CA ARG A 197 2.95 14.35 9.74
C ARG A 197 3.85 14.40 8.50
N GLU A 198 5.17 14.46 8.66
CA GLU A 198 6.01 14.57 7.47
C GLU A 198 5.79 13.44 6.45
N PRO A 199 5.62 12.17 6.83
CA PRO A 199 5.43 11.15 5.79
C PRO A 199 4.23 11.43 4.91
N LEU A 200 3.18 12.03 5.49
CA LEU A 200 1.93 12.26 4.78
C LEU A 200 2.08 13.32 3.70
N TRP A 201 3.04 14.22 3.88
CA TRP A 201 3.32 15.26 2.89
C TRP A 201 4.41 14.81 1.92
N ARG A 202 5.43 14.12 2.40
CA ARG A 202 6.49 13.73 1.46
C ARG A 202 5.98 12.72 0.45
N PHE A 203 5.12 11.79 0.87
CA PHE A 203 4.62 10.79 -0.08
C PHE A 203 3.96 11.42 -1.31
N PRO A 204 2.98 12.33 -1.22
CA PRO A 204 2.39 12.81 -2.47
C PRO A 204 3.38 13.63 -3.28
N ASN A 205 4.43 14.17 -2.62
CA ASN A 205 5.50 14.85 -3.36
C ASN A 205 6.46 13.88 -4.03
N GLU A 206 6.38 12.59 -3.71
CA GLU A 206 7.16 11.57 -4.40
C GLU A 206 6.36 10.93 -5.55
N LEU A 207 5.06 11.18 -5.66
CA LEU A 207 4.28 10.45 -6.66
C LEU A 207 4.82 10.76 -8.05
N PRO A 208 4.97 9.76 -8.93
CA PRO A 208 5.51 10.01 -10.27
C PRO A 208 4.46 10.56 -11.22
N ILE A 209 4.31 11.89 -11.25
CA ILE A 209 3.26 12.56 -12.01
C ILE A 209 3.91 13.61 -12.91
N ALA A 210 3.60 13.52 -14.20
CA ALA A 210 4.06 14.50 -15.20
C ALA A 210 5.58 14.61 -15.18
N GLY A 211 6.23 13.45 -14.96
CA GLY A 211 7.66 13.33 -15.09
C GLY A 211 8.48 13.65 -13.85
N GLU A 212 7.85 14.05 -12.74
CA GLU A 212 8.56 14.46 -11.54
C GLU A 212 8.00 13.76 -10.32
N PRO A 213 8.85 13.43 -9.33
CA PRO A 213 10.33 13.53 -9.38
C PRO A 213 10.87 12.49 -10.36
N ALA A 214 11.86 12.90 -11.17
CA ALA A 214 12.29 12.03 -12.24
C ALA A 214 12.91 10.72 -11.74
N ASN A 215 13.57 10.75 -10.57
CA ASN A 215 14.12 9.51 -10.02
C ASN A 215 13.03 8.51 -9.66
N ILE A 216 11.87 8.98 -9.16
CA ILE A 216 10.80 8.04 -8.81
C ILE A 216 10.13 7.54 -10.08
N VAL A 217 9.93 8.42 -11.07
CA VAL A 217 9.44 7.96 -12.38
C VAL A 217 10.31 6.82 -12.89
N ALA A 218 11.64 7.01 -12.81
CA ALA A 218 12.55 6.00 -13.34
C ALA A 218 12.43 4.68 -12.60
N LEU A 219 12.42 4.75 -11.24
CA LEU A 219 12.31 3.55 -10.42
C LEU A 219 11.01 2.79 -10.70
N VAL A 220 9.90 3.53 -10.85
CA VAL A 220 8.60 2.90 -11.08
C VAL A 220 8.52 2.34 -12.50
N GLU A 221 9.06 3.06 -13.49
CA GLU A 221 9.13 2.48 -14.83
C GLU A 221 9.90 1.16 -14.80
N GLU A 222 11.00 1.12 -14.04
CA GLU A 222 11.80 -0.10 -13.98
C GLU A 222 11.01 -1.28 -13.42
N TYR A 223 10.27 -1.09 -12.34
CA TYR A 223 9.60 -2.29 -11.84
C TYR A 223 8.35 -2.63 -12.63
N MET A 224 7.78 -1.67 -13.36
CA MET A 224 6.69 -2.01 -14.27
C MET A 224 7.24 -2.83 -15.45
N ASP A 225 8.42 -2.48 -15.93
CA ASP A 225 9.04 -3.28 -16.99
CA ASP A 225 9.03 -3.27 -16.99
C ASP A 225 9.37 -4.67 -16.48
N TRP A 226 9.89 -4.77 -15.24
CA TRP A 226 10.16 -6.07 -14.65
C TRP A 226 8.88 -6.87 -14.55
N LEU A 227 7.83 -6.22 -14.07
CA LEU A 227 6.58 -6.96 -13.87
C LEU A 227 6.09 -7.57 -15.19
N HIS A 228 6.24 -6.83 -16.29
CA HIS A 228 5.77 -7.30 -17.59
C HIS A 228 6.61 -8.43 -18.16
N GLN A 229 7.77 -8.73 -17.58
CA GLN A 229 8.65 -9.80 -18.04
C GLN A 229 8.74 -10.92 -17.01
N SER A 230 7.94 -10.86 -15.94
CA SER A 230 8.05 -11.83 -14.87
C SER A 230 6.94 -12.85 -14.94
N PRO A 231 7.24 -14.14 -14.76
CA PRO A 231 6.17 -15.15 -14.70
C PRO A 231 5.46 -15.26 -13.35
N VAL A 232 5.83 -14.42 -12.38
CA VAL A 232 5.29 -14.57 -11.02
C VAL A 232 3.77 -14.49 -11.07
N PRO A 233 3.05 -15.33 -10.34
CA PRO A 233 1.59 -15.21 -10.33
C PRO A 233 1.15 -13.86 -9.80
N LYS A 234 0.14 -13.27 -10.45
CA LYS A 234 -0.30 -11.92 -10.16
C LYS A 234 -1.80 -11.89 -9.99
N LEU A 235 -2.26 -11.12 -9.01
CA LEU A 235 -3.68 -10.96 -8.73
C LEU A 235 -3.97 -9.48 -8.57
N LEU A 236 -4.79 -8.91 -9.47
CA LEU A 236 -5.04 -7.46 -9.50
C LEU A 236 -6.48 -7.22 -9.09
N PHE A 237 -6.70 -6.43 -8.05
CA PHE A 237 -8.03 -5.97 -7.69
C PHE A 237 -8.20 -4.53 -8.15
N TRP A 238 -9.39 -4.22 -8.67
CA TRP A 238 -9.64 -2.88 -9.18
C TRP A 238 -11.10 -2.53 -8.97
N GLY A 239 -11.35 -1.21 -8.85
CA GLY A 239 -12.69 -0.70 -8.66
C GLY A 239 -13.00 0.41 -9.65
N THR A 240 -14.26 0.84 -9.63
CA THR A 240 -14.76 1.94 -10.44
C THR A 240 -15.18 3.10 -9.55
N PRO A 241 -14.69 4.32 -9.76
CA PRO A 241 -13.82 4.74 -10.86
C PRO A 241 -12.32 4.53 -10.61
N GLY A 242 -11.96 4.08 -9.40
CA GLY A 242 -10.55 4.00 -9.04
C GLY A 242 -9.94 5.38 -8.80
N VAL A 243 -8.65 5.39 -8.49
CA VAL A 243 -7.89 6.65 -8.36
C VAL A 243 -6.58 6.48 -9.14
N LEU A 244 -5.69 5.64 -8.65
CA LEU A 244 -4.46 5.36 -9.36
C LEU A 244 -4.69 4.47 -10.56
N ILE A 245 -5.66 3.56 -10.50
CA ILE A 245 -5.86 2.52 -11.52
C ILE A 245 -7.32 2.57 -11.97
N PRO A 246 -7.63 3.36 -12.99
CA PRO A 246 -8.99 3.37 -13.51
C PRO A 246 -9.31 2.09 -14.26
N PRO A 247 -10.59 1.83 -14.50
CA PRO A 247 -10.98 0.56 -15.15
C PRO A 247 -10.22 0.28 -16.44
N ALA A 248 -10.05 1.30 -17.32
CA ALA A 248 -9.35 1.07 -18.58
C ALA A 248 -7.91 0.67 -18.36
N GLU A 249 -7.28 1.18 -17.29
CA GLU A 249 -5.92 0.77 -17.00
C GLU A 249 -5.87 -0.67 -16.47
N ALA A 250 -6.81 -1.03 -15.58
CA ALA A 250 -6.88 -2.42 -15.12
C ALA A 250 -7.09 -3.37 -16.29
N ALA A 251 -7.92 -2.99 -17.27
CA ALA A 251 -8.15 -3.89 -18.41
C ALA A 251 -6.88 -4.05 -19.25
N ARG A 252 -6.14 -2.94 -19.42
CA ARG A 252 -4.86 -3.06 -20.13
C ARG A 252 -3.90 -4.00 -19.42
N LEU A 253 -3.79 -3.88 -18.10
CA LEU A 253 -2.87 -4.72 -17.33
C LEU A 253 -3.32 -6.16 -17.29
N ALA A 254 -4.63 -6.39 -17.19
CA ALA A 254 -5.14 -7.75 -17.24
C ALA A 254 -4.70 -8.46 -18.52
N LYS A 255 -4.55 -7.70 -19.59
CA LYS A 255 -4.06 -8.27 -20.86
C LYS A 255 -2.54 -8.37 -20.92
N SER A 256 -1.84 -7.34 -20.47
CA SER A 256 -0.42 -7.27 -20.73
C SER A 256 0.44 -7.97 -19.69
N LEU A 257 -0.05 -8.12 -18.44
CA LEU A 257 0.81 -8.68 -17.41
C LEU A 257 0.81 -10.20 -17.51
N PRO A 258 1.96 -10.86 -17.49
CA PRO A 258 1.95 -12.33 -17.50
C PRO A 258 1.26 -12.88 -16.29
N ASN A 259 0.50 -13.96 -16.49
CA ASN A 259 -0.03 -14.79 -15.40
C ASN A 259 -0.80 -13.95 -14.38
N CYS A 260 -1.69 -13.11 -14.89
CA CYS A 260 -2.44 -12.16 -14.08
C CYS A 260 -3.93 -12.48 -14.12
N LYS A 261 -4.53 -12.61 -12.95
CA LYS A 261 -5.98 -12.66 -12.79
C LYS A 261 -6.44 -11.31 -12.26
N ALA A 262 -7.51 -10.75 -12.85
CA ALA A 262 -8.03 -9.46 -12.42
C ALA A 262 -9.42 -9.66 -11.86
N VAL A 263 -9.73 -8.95 -10.77
CA VAL A 263 -11.02 -9.08 -10.09
C VAL A 263 -11.62 -7.70 -9.86
N ASP A 264 -12.85 -7.51 -10.33
CA ASP A 264 -13.60 -6.27 -10.22
C ASP A 264 -14.31 -6.27 -8.87
N ILE A 265 -13.90 -5.35 -7.98
CA ILE A 265 -14.47 -5.38 -6.62
C ILE A 265 -15.66 -4.45 -6.48
N GLY A 266 -16.11 -3.85 -7.58
CA GLY A 266 -17.27 -3.00 -7.55
C GLY A 266 -16.87 -1.55 -7.36
N PRO A 267 -17.76 -0.75 -6.81
CA PRO A 267 -17.42 0.66 -6.55
C PRO A 267 -16.15 0.76 -5.71
N GLY A 268 -15.23 1.62 -6.12
CA GLY A 268 -14.01 1.77 -5.36
C GLY A 268 -13.23 2.97 -5.84
N LEU A 269 -12.45 3.57 -4.94
CA LEU A 269 -11.60 4.74 -5.25
C LEU A 269 -10.16 4.30 -5.01
N ASN A 270 -9.58 4.60 -3.85
CA ASN A 270 -8.21 4.15 -3.58
C ASN A 270 -8.12 3.06 -2.53
N LEU A 271 -8.77 3.21 -1.36
CA LEU A 271 -8.71 2.20 -0.30
C LEU A 271 -9.76 1.13 -0.57
N LEU A 272 -9.50 0.33 -1.63
CA LEU A 272 -10.47 -0.70 -2.02
C LEU A 272 -10.76 -1.64 -0.86
N GLN A 273 -9.77 -1.86 0.02
CA GLN A 273 -9.95 -2.71 1.20
C GLN A 273 -11.09 -2.24 2.08
N GLU A 274 -11.40 -0.94 2.08
CA GLU A 274 -12.48 -0.44 2.93
C GLU A 274 -13.83 -0.58 2.27
N ASP A 275 -13.89 -0.71 0.95
CA ASP A 275 -15.19 -0.87 0.28
C ASP A 275 -15.57 -2.32 0.05
N ASN A 276 -14.59 -3.23 -0.14
CA ASN A 276 -14.97 -4.63 -0.36
C ASN A 276 -13.92 -5.56 0.23
N PRO A 277 -13.73 -5.53 1.56
CA PRO A 277 -12.75 -6.43 2.18
C PRO A 277 -13.06 -7.90 1.97
N ASP A 278 -14.32 -8.29 1.96
CA ASP A 278 -14.56 -9.73 1.94
C ASP A 278 -14.27 -10.36 0.58
N LEU A 279 -14.55 -9.65 -0.52
CA LEU A 279 -14.18 -10.22 -1.81
C LEU A 279 -12.67 -10.20 -1.99
N ILE A 280 -12.00 -9.14 -1.51
CA ILE A 280 -10.55 -9.11 -1.65
C ILE A 280 -9.92 -10.25 -0.85
N GLY A 281 -10.38 -10.43 0.39
CA GLY A 281 -9.79 -11.47 1.21
C GLY A 281 -10.10 -12.86 0.69
N SER A 282 -11.36 -13.10 0.32
CA SER A 282 -11.70 -14.45 -0.16
C SER A 282 -11.00 -14.78 -1.46
N GLU A 283 -10.81 -13.79 -2.36
CA GLU A 283 -10.10 -14.07 -3.59
C GLU A 283 -8.62 -14.25 -3.35
N ILE A 284 -8.04 -13.54 -2.37
CA ILE A 284 -6.64 -13.82 -2.08
C ILE A 284 -6.48 -15.24 -1.53
N ALA A 285 -7.39 -15.66 -0.64
CA ALA A 285 -7.26 -17.01 -0.07
C ALA A 285 -7.39 -18.07 -1.16
N ARG A 286 -8.34 -17.89 -2.08
CA ARG A 286 -8.49 -18.84 -3.17
C ARG A 286 -7.23 -18.89 -4.02
N TRP A 287 -6.73 -17.72 -4.43
CA TRP A 287 -5.55 -17.66 -5.27
C TRP A 287 -4.34 -18.28 -4.56
N LEU A 288 -4.18 -18.04 -3.25
CA LEU A 288 -3.06 -18.64 -2.54
C LEU A 288 -3.08 -20.15 -2.65
N SER A 289 -4.29 -20.74 -2.64
CA SER A 289 -4.43 -22.20 -2.69
C SER A 289 -4.02 -22.77 -4.03
N THR A 290 -3.86 -21.94 -5.07
CA THR A 290 -3.37 -22.37 -6.38
C THR A 290 -1.89 -22.17 -6.59
N LEU A 291 -1.18 -21.49 -5.67
CA LEU A 291 0.24 -21.26 -5.86
C LEU A 291 1.06 -22.47 -5.41
N GLU A 292 2.23 -22.62 -6.00
CA GLU A 292 3.14 -23.71 -5.61
C GLU A 292 3.96 -23.28 -4.39
N ILE A 293 3.25 -23.15 -3.27
CA ILE A 293 3.84 -22.76 -2.00
C ILE A 293 3.35 -23.72 -0.91
N1 PJI B . -9.86 21.17 3.10
C7 PJI B . -4.72 8.31 -2.66
C8 PJI B . -3.37 7.75 -2.22
N2 PJI B . -6.73 25.28 -1.12
C9 PJI B . -2.42 7.54 -3.39
O1 PJI B . -7.97 12.61 -3.71
C1 PJI B . -8.52 14.80 -3.17
C5 PJI B . -7.07 8.88 -1.90
C6 PJI B . -5.65 8.59 -1.49
C4 PJI B . -8.42 10.36 -3.17
C3 PJI B . -8.36 11.37 -4.26
C2 PJI B . -9.02 13.39 -3.14
N PJI B . -9.43 15.70 -2.47
C PJI B . -9.29 15.99 -1.18
O PJI B . -8.34 15.59 -0.50
C10 PJI B . -1.14 6.70 -3.02
C11 PJI B . -10.44 16.75 -0.55
C12 PJI B . -10.11 17.69 0.60
C13 PJI B . -9.34 18.89 0.12
C14 PJI B . -8.96 19.81 1.25
C15 PJI B . -10.17 20.52 1.81
C16 PJI B . -9.32 22.39 3.25
C17 PJI B . -8.98 23.18 2.15
C18 PJI B . -8.12 24.17 2.09
C19 PJI B . -7.94 24.91 0.92
C20 PJI B . -7.47 24.47 -0.29
C21 PJI B . -6.29 26.62 -0.77
C22 PJI B . -6.45 24.63 -2.32
C23 PJI B . -5.74 25.11 -3.42
C24 PJI B . -5.63 24.29 -4.51
C25 PJI B . -6.20 23.03 -4.53
C26 PJI B . -6.90 22.56 -3.44
C27 PJI B . -7.03 23.37 -2.33
C28 PJI B . -7.70 23.12 -1.00
C29 PJI B . -9.17 22.78 -1.22
C30 PJI B . -6.97 21.96 -0.30
C31 PJI B . -9.19 22.69 4.74
C32 PJI B . -7.75 23.00 5.16
C33 PJI B . -10.15 23.82 5.16
C34 PJI B . -9.65 21.38 5.34
C35 PJI B . -10.00 20.50 4.33
C36 PJI B . -10.40 19.19 4.57
C37 PJI B . -10.45 18.77 5.89
C38 PJI B . -10.13 19.64 6.93
C39 PJI B . -9.73 20.94 6.65
O2 PJI B . -7.11 9.96 -2.81
CL CL C . 0.52 9.81 -1.69
C1 GOL D . 18.96 7.71 -5.45
O1 GOL D . 19.53 8.39 -4.36
C2 GOL D . 17.38 7.93 -5.40
O2 GOL D . 17.05 9.17 -5.85
C3 GOL D . 16.77 6.77 -6.24
O3 GOL D . 15.46 7.14 -6.51
C1 GOL E . 13.84 15.10 -4.40
O1 GOL E . 13.34 16.13 -5.23
C2 GOL E . 13.27 13.87 -5.05
O2 GOL E . 14.01 13.56 -6.20
C3 GOL E . 13.43 12.75 -4.02
O3 GOL E . 12.83 11.58 -4.63
C1 GOL F . 17.73 16.34 0.11
O1 GOL F . 16.87 15.94 1.22
C2 GOL F . 17.93 15.19 -0.95
O2 GOL F . 18.40 14.02 -0.38
C3 GOL F . 16.56 14.93 -1.59
O3 GOL F . 16.85 14.25 -2.79
MG MG G . 15.93 6.61 17.06
C1 GOL H . -13.51 -14.28 -9.35
O1 GOL H . -12.66 -15.32 -8.88
C2 GOL H . -15.01 -14.66 -8.93
O2 GOL H . -15.14 -15.05 -7.56
C3 GOL H . -15.45 -15.78 -9.89
O3 GOL H . -16.79 -16.11 -9.58
#